data_6EVN
#
_entry.id   6EVN
#
_cell.length_a   54.926
_cell.length_b   54.926
_cell.length_c   72.942
_cell.angle_alpha   90.00
_cell.angle_beta   90.00
_cell.angle_gamma   120.00
#
_symmetry.space_group_name_H-M   'P 32 2 1'
#
loop_
_entity.id
_entity.type
_entity.pdbx_description
1 polymer 'Prolyl 4-hydroxylase subunit alpha-2'
2 polymer PRO-PRO-GLY-PRO-ALA-GLY-PRO-PRO-GLY
3 non-polymer 'SULFATE ION'
4 non-polymer 'DIMETHYL SULFOXIDE'
5 water water
#
loop_
_entity_poly.entity_id
_entity_poly.type
_entity_poly.pdbx_seq_one_letter_code
_entity_poly.pdbx_strand_id
1 'polypeptide(L)'
;MHHHHHHMLSVDDCFGMGRSAYNEGDYYHTVLWMEQVLKQLDAGEEATTTKSQVLDYLSYAVFQLGDLHRALELTRRLLS
LDPSHERAGGNLRYFEQLLEEE
;
A
2 'polypeptide(L)' PPGPAGPPG C
#
loop_
_chem_comp.id
_chem_comp.type
_chem_comp.name
_chem_comp.formula
DMS non-polymer 'DIMETHYL SULFOXIDE' 'C2 H6 O S'
SO4 non-polymer 'SULFATE ION' 'O4 S -2'
#
# COMPACT_ATOMS: atom_id res chain seq x y z
N MET A 8 -6.48 -10.46 19.39
CA MET A 8 -6.10 -9.42 18.44
C MET A 8 -4.65 -8.99 18.62
N LEU A 9 -3.99 -8.69 17.50
CA LEU A 9 -2.71 -8.01 17.49
C LEU A 9 -2.95 -6.51 17.33
N SER A 10 -1.99 -5.72 17.78
CA SER A 10 -2.12 -4.27 17.68
C SER A 10 -1.93 -3.81 16.23
N VAL A 11 -2.31 -2.57 15.97
CA VAL A 11 -2.09 -1.96 14.66
C VAL A 11 -0.64 -2.08 14.24
N ASP A 12 0.27 -1.66 15.13
CA ASP A 12 1.69 -1.69 14.78
C ASP A 12 2.21 -3.12 14.64
N ASP A 13 1.70 -4.07 15.44
CA ASP A 13 2.05 -5.47 15.27
C ASP A 13 1.62 -5.98 13.88
N CYS A 14 0.37 -5.73 13.50
CA CYS A 14 -0.10 -6.14 12.18
C CYS A 14 0.71 -5.49 11.06
N PHE A 15 1.07 -4.22 11.22
CA PHE A 15 1.94 -3.57 10.24
C PHE A 15 3.27 -4.31 10.14
N GLY A 16 3.84 -4.70 11.28
CA GLY A 16 5.10 -5.42 11.27
C GLY A 16 4.96 -6.77 10.58
N MET A 17 3.84 -7.44 10.81
CA MET A 17 3.55 -8.68 10.10
C MET A 17 3.46 -8.46 8.60
N GLY A 18 2.77 -7.40 8.17
CA GLY A 18 2.68 -7.11 6.75
C GLY A 18 4.02 -6.80 6.13
N ARG A 19 4.87 -6.07 6.87
CA ARG A 19 6.20 -5.78 6.35
C ARG A 19 7.05 -7.04 6.26
N SER A 20 6.90 -7.93 7.23
CA SER A 20 7.61 -9.20 7.21
C SER A 20 7.21 -10.01 5.98
N ALA A 21 5.91 -10.15 5.74
CA ALA A 21 5.45 -10.84 4.55
C ALA A 21 6.01 -10.20 3.28
N TYR A 22 5.92 -8.86 3.19
CA TYR A 22 6.42 -8.16 2.02
C TYR A 22 7.91 -8.42 1.79
N ASN A 23 8.69 -8.40 2.86
CA ASN A 23 10.13 -8.61 2.72
C ASN A 23 10.47 -10.04 2.30
N GLU A 24 9.53 -10.98 2.45
CA GLU A 24 9.69 -12.32 1.91
C GLU A 24 9.15 -12.45 0.49
N GLY A 25 8.70 -11.35 -0.13
CA GLY A 25 8.06 -11.42 -1.42
C GLY A 25 6.69 -12.06 -1.40
N ASP A 26 6.07 -12.15 -0.21
CA ASP A 26 4.73 -12.70 -0.06
C ASP A 26 3.70 -11.58 -0.12
N TYR A 27 3.28 -11.25 -1.34
CA TYR A 27 2.35 -10.15 -1.55
C TYR A 27 0.96 -10.46 -1.01
N TYR A 28 0.51 -11.72 -1.14
CA TYR A 28 -0.80 -12.06 -0.64
C TYR A 28 -0.90 -11.81 0.88
N HIS A 29 0.08 -12.28 1.63
CA HIS A 29 0.04 -12.04 3.07
C HIS A 29 0.28 -10.57 3.41
N THR A 30 1.03 -9.86 2.58
CA THR A 30 1.13 -8.40 2.76
C THR A 30 -0.25 -7.76 2.70
N VAL A 31 -1.08 -8.15 1.72
CA VAL A 31 -2.40 -7.57 1.60
C VAL A 31 -3.24 -7.90 2.85
N LEU A 32 -3.20 -9.17 3.28
CA LEU A 32 -4.05 -9.55 4.42
C LEU A 32 -3.73 -8.70 5.64
N TRP A 33 -2.44 -8.53 5.93
CA TRP A 33 -2.06 -7.78 7.12
C TRP A 33 -2.34 -6.30 6.95
N MET A 34 -2.02 -5.74 5.79
CA MET A 34 -2.20 -4.30 5.63
C MET A 34 -3.66 -3.89 5.57
N GLU A 35 -4.51 -4.74 4.99
CA GLU A 35 -5.95 -4.48 5.06
C GLU A 35 -6.43 -4.44 6.50
N GLN A 36 -5.93 -5.35 7.35
CA GLN A 36 -6.31 -5.34 8.74
C GLN A 36 -5.82 -4.07 9.44
N VAL A 37 -4.60 -3.63 9.12
CA VAL A 37 -4.10 -2.37 9.67
C VAL A 37 -5.08 -1.23 9.35
N LEU A 38 -5.50 -1.14 8.09
CA LEU A 38 -6.38 -0.04 7.72
C LEU A 38 -7.69 -0.11 8.51
N LYS A 39 -8.22 -1.31 8.70
CA LYS A 39 -9.44 -1.48 9.48
CA LYS A 39 -9.43 -1.47 9.48
C LYS A 39 -9.25 -0.95 10.90
N GLN A 40 -8.14 -1.32 11.54
CA GLN A 40 -7.95 -0.90 12.93
C GLN A 40 -7.63 0.59 13.02
N LEU A 41 -6.98 1.16 12.01
CA LEU A 41 -6.78 2.62 12.00
C LEU A 41 -8.12 3.34 11.83
N ASP A 42 -8.98 2.85 10.95
CA ASP A 42 -10.30 3.46 10.78
C ASP A 42 -11.15 3.34 12.04
N ALA A 43 -10.92 2.31 12.84
CA ALA A 43 -11.61 2.14 14.11
C ALA A 43 -11.08 3.06 15.20
N GLY A 44 -10.15 3.95 14.87
CA GLY A 44 -9.61 4.89 15.83
C GLY A 44 -8.54 4.34 16.74
N GLU A 45 -7.99 3.16 16.45
CA GLU A 45 -6.96 2.59 17.32
C GLU A 45 -5.69 3.41 17.21
N GLU A 46 -5.00 3.55 18.33
CA GLU A 46 -3.77 4.32 18.36
C GLU A 46 -2.64 3.52 17.75
N ALA A 47 -1.76 4.21 17.05
CA ALA A 47 -0.68 3.56 16.33
C ALA A 47 0.37 4.59 15.98
N THR A 48 1.61 4.14 15.91
CA THR A 48 2.65 4.97 15.35
C THR A 48 2.63 4.92 13.83
N THR A 49 2.24 3.79 13.25
CA THR A 49 2.15 3.66 11.80
C THR A 49 1.11 4.62 11.24
N THR A 50 1.41 5.22 10.08
CA THR A 50 0.47 6.11 9.42
C THR A 50 -0.18 5.41 8.22
N LYS A 51 -1.37 5.88 7.88
CA LYS A 51 -2.09 5.30 6.74
CA LYS A 51 -2.09 5.30 6.74
C LYS A 51 -1.26 5.35 5.47
N SER A 52 -0.54 6.46 5.24
CA SER A 52 0.25 6.56 4.02
C SER A 52 1.28 5.44 3.94
N GLN A 53 1.92 5.11 5.06
CA GLN A 53 2.91 4.04 5.03
C GLN A 53 2.26 2.70 4.68
N VAL A 54 1.07 2.45 5.23
CA VAL A 54 0.33 1.21 4.93
C VAL A 54 -0.01 1.16 3.45
N LEU A 55 -0.49 2.27 2.90
CA LEU A 55 -0.90 2.32 1.50
C LEU A 55 0.27 2.10 0.55
N ASP A 56 1.47 2.48 0.99
CA ASP A 56 2.65 2.25 0.16
C ASP A 56 2.87 0.74 -0.08
N TYR A 57 2.90 -0.04 1.00
CA TYR A 57 3.03 -1.49 0.86
C TYR A 57 1.81 -2.08 0.15
N LEU A 58 0.60 -1.67 0.56
CA LEU A 58 -0.60 -2.33 0.05
C LEU A 58 -0.79 -2.10 -1.45
N SER A 59 -0.60 -0.85 -1.91
CA SER A 59 -0.79 -0.56 -3.34
C SER A 59 0.13 -1.42 -4.21
N TYR A 60 1.38 -1.57 -3.81
CA TYR A 60 2.30 -2.36 -4.60
C TYR A 60 1.90 -3.84 -4.56
N ALA A 61 1.56 -4.33 -3.37
CA ALA A 61 1.18 -5.74 -3.21
C ALA A 61 -0.05 -6.07 -4.03
N VAL A 62 -1.08 -5.22 -4.02
CA VAL A 62 -2.28 -5.55 -4.80
C VAL A 62 -1.98 -5.54 -6.30
N PHE A 63 -1.08 -4.68 -6.75
CA PHE A 63 -0.63 -4.72 -8.14
C PHE A 63 0.05 -6.04 -8.46
N GLN A 64 0.92 -6.52 -7.60
CA GLN A 64 1.62 -7.78 -7.88
C GLN A 64 0.63 -8.93 -8.00
N LEU A 65 -0.49 -8.84 -7.30
CA LEU A 65 -1.51 -9.87 -7.33
C LEU A 65 -2.50 -9.68 -8.48
N GLY A 66 -2.31 -8.66 -9.33
CA GLY A 66 -3.13 -8.47 -10.51
C GLY A 66 -4.37 -7.62 -10.35
N ASP A 67 -4.47 -6.81 -9.31
CA ASP A 67 -5.69 -6.07 -9.02
C ASP A 67 -5.50 -4.62 -9.45
N LEU A 68 -5.71 -4.37 -10.75
CA LEU A 68 -5.14 -3.20 -11.41
C LEU A 68 -5.80 -1.90 -10.96
N HIS A 69 -7.12 -1.80 -11.06
CA HIS A 69 -7.74 -0.52 -10.70
C HIS A 69 -7.69 -0.27 -9.20
N ARG A 70 -7.64 -1.32 -8.37
CA ARG A 70 -7.44 -1.12 -6.94
CA ARG A 70 -7.44 -1.10 -6.94
C ARG A 70 -6.06 -0.55 -6.67
N ALA A 71 -5.03 -1.08 -7.35
CA ALA A 71 -3.69 -0.53 -7.20
C ALA A 71 -3.67 0.96 -7.56
N LEU A 72 -4.37 1.34 -8.63
CA LEU A 72 -4.48 2.75 -9.01
C LEU A 72 -5.17 3.57 -7.91
N GLU A 73 -6.31 3.08 -7.42
CA GLU A 73 -7.06 3.79 -6.39
C GLU A 73 -6.19 4.01 -5.15
N LEU A 74 -5.49 2.96 -4.69
CA LEU A 74 -4.69 3.08 -3.50
C LEU A 74 -3.48 3.95 -3.72
N THR A 75 -2.93 3.96 -4.95
CA THR A 75 -1.82 4.84 -5.24
C THR A 75 -2.26 6.31 -5.20
N ARG A 76 -3.45 6.61 -5.74
CA ARG A 76 -3.99 7.94 -5.64
C ARG A 76 -4.17 8.34 -4.18
N ARG A 77 -4.70 7.44 -3.35
CA ARG A 77 -4.90 7.75 -1.95
C ARG A 77 -3.57 7.98 -1.24
N LEU A 78 -2.57 7.16 -1.57
CA LEU A 78 -1.24 7.33 -1.02
C LEU A 78 -0.72 8.74 -1.32
N LEU A 79 -0.76 9.14 -2.59
CA LEU A 79 -0.24 10.45 -2.93
C LEU A 79 -1.06 11.56 -2.27
N SER A 80 -2.35 11.35 -2.10
CA SER A 80 -3.17 12.38 -1.48
C SER A 80 -2.68 12.68 -0.07
N LEU A 81 -2.13 11.68 0.62
CA LEU A 81 -1.71 11.78 1.99
C LEU A 81 -0.20 12.05 2.12
N ASP A 82 0.52 12.05 1.02
CA ASP A 82 1.98 12.18 1.05
C ASP A 82 2.40 12.74 -0.30
N PRO A 83 2.08 14.00 -0.60
CA PRO A 83 2.23 14.49 -1.97
C PRO A 83 3.65 14.57 -2.49
N SER A 84 4.65 14.67 -1.61
CA SER A 84 6.03 14.73 -2.04
C SER A 84 6.69 13.37 -2.13
N HIS A 85 5.90 12.30 -2.07
CA HIS A 85 6.39 10.93 -2.18
C HIS A 85 6.70 10.68 -3.66
N GLU A 86 7.97 10.80 -4.04
CA GLU A 86 8.33 10.79 -5.46
C GLU A 86 8.06 9.43 -6.09
N ARG A 87 8.39 8.37 -5.39
CA ARG A 87 8.13 7.03 -5.92
C ARG A 87 6.63 6.80 -6.12
N ALA A 88 5.81 7.26 -5.18
CA ALA A 88 4.37 7.14 -5.35
C ALA A 88 3.87 7.93 -6.56
N GLY A 89 4.44 9.11 -6.80
CA GLY A 89 4.08 9.87 -7.98
C GLY A 89 4.45 9.15 -9.27
N GLY A 90 5.61 8.50 -9.29
CA GLY A 90 6.00 7.69 -10.42
C GLY A 90 5.06 6.51 -10.62
N ASN A 91 4.69 5.86 -9.52
CA ASN A 91 3.71 4.78 -9.61
C ASN A 91 2.38 5.27 -10.18
N LEU A 92 1.92 6.44 -9.76
CA LEU A 92 0.66 6.97 -10.24
C LEU A 92 0.71 7.22 -11.73
N ARG A 93 1.81 7.83 -12.21
CA ARG A 93 1.95 8.01 -13.65
C ARG A 93 1.96 6.69 -14.39
N TYR A 94 2.65 5.68 -13.85
CA TYR A 94 2.64 4.37 -14.48
C TYR A 94 1.21 3.82 -14.57
N PHE A 95 0.49 3.79 -13.45
CA PHE A 95 -0.83 3.16 -13.45
C PHE A 95 -1.82 3.94 -14.29
N GLU A 96 -1.72 5.28 -14.30
CA GLU A 96 -2.65 6.05 -15.11
C GLU A 96 -2.39 5.84 -16.59
N GLN A 97 -1.13 5.74 -17.01
CA GLN A 97 -0.86 5.44 -18.41
C GLN A 97 -1.24 4.01 -18.75
N LEU A 98 -0.98 3.08 -17.83
CA LEU A 98 -1.31 1.67 -18.08
C LEU A 98 -2.79 1.48 -18.30
N LEU A 99 -3.60 2.15 -17.50
CA LEU A 99 -5.05 1.96 -17.50
C LEU A 99 -5.79 3.06 -18.26
N GLU A 100 -5.07 3.92 -18.95
CA GLU A 100 -5.67 5.05 -19.66
C GLU A 100 -6.61 5.82 -18.74
N GLU A 101 -6.16 6.07 -17.51
CA GLU A 101 -6.92 6.84 -16.52
C GLU A 101 -6.26 8.19 -16.23
N GLU A 102 -5.53 8.72 -17.20
CA GLU A 102 -4.82 9.99 -17.04
C GLU A 102 -5.80 11.14 -16.98
N PRO B 1 12.70 -2.54 -15.92
CA PRO B 1 11.56 -2.60 -16.85
C PRO B 1 10.46 -1.60 -16.44
N PRO B 2 9.46 -1.41 -17.31
CA PRO B 2 8.44 -0.37 -17.07
C PRO B 2 7.45 -0.84 -16.01
N GLY B 3 7.50 -0.23 -14.84
CA GLY B 3 6.59 -0.60 -13.77
C GLY B 3 6.68 0.25 -12.52
N PRO B 4 5.82 -0.01 -11.57
CA PRO B 4 5.86 0.70 -10.29
C PRO B 4 6.98 0.16 -9.42
N ALA B 5 7.21 0.86 -8.33
CA ALA B 5 8.20 0.43 -7.38
C ALA B 5 7.60 0.55 -5.98
N GLY B 6 7.73 -0.52 -5.20
CA GLY B 6 7.25 -0.52 -3.84
C GLY B 6 8.33 -0.07 -2.88
N PRO B 7 8.03 -0.10 -1.59
CA PRO B 7 9.03 0.24 -0.59
C PRO B 7 10.26 -0.65 -0.73
N PRO B 8 11.45 -0.09 -0.53
CA PRO B 8 12.66 -0.90 -0.62
C PRO B 8 12.73 -2.00 0.41
N GLY B 9 12.02 -1.86 1.53
CA GLY B 9 12.06 -2.83 2.61
C GLY B 9 10.99 -2.48 3.62
S SO4 C . -11.45 0.98 0.94
O1 SO4 C . -11.42 1.54 -0.41
O2 SO4 C . -12.27 -0.23 0.95
O3 SO4 C . -12.04 1.96 1.85
O4 SO4 C . -10.10 0.65 1.36
S SO4 D . 7.44 3.03 4.80
O1 SO4 D . 6.57 2.55 3.71
O2 SO4 D . 7.15 2.31 6.05
O3 SO4 D . 7.19 4.46 4.99
O4 SO4 D . 8.83 2.79 4.44
S DMS E . 10.60 -7.74 -1.93
O DMS E . 9.20 -7.25 -1.74
C1 DMS E . 10.73 -8.69 -3.46
C2 DMS E . 11.65 -6.33 -2.35
S DMS F . -5.11 -11.29 9.74
O DMS F . -6.34 -11.48 8.89
C1 DMS F . -3.67 -11.61 8.69
C2 DMS F . -4.87 -9.53 9.95
S DMS G . 9.75 -3.58 -4.96
O DMS G . 9.63 -2.65 -6.13
C1 DMS G . 11.29 -3.21 -4.08
C2 DMS G . 10.09 -5.27 -5.54
S DMS H . 2.05 -14.62 -3.01
O DMS H . 1.72 -13.18 -3.06
C1 DMS H . 0.70 -15.50 -3.87
C2 DMS H . 3.49 -14.95 -4.08
#